data_3U9E
#
_entry.id   3U9E
#
_cell.length_a   43.739
_cell.length_b   76.727
_cell.length_c   80.090
_cell.angle_alpha   90.00
_cell.angle_beta   104.08
_cell.angle_gamma   90.00
#
_symmetry.space_group_name_H-M   'P 1 21 1'
#
loop_
_entity.id
_entity.type
_entity.pdbx_description
1 polymer 'possible phosphate acetyl/butaryl transferase'
2 non-polymer 'COENZYME A'
3 non-polymer 'CHLORIDE ION'
4 non-polymer GLYCEROL
5 non-polymer ARGININE
6 water water
#
_entity_poly.entity_id   1
_entity_poly.type   'polypeptide(L)'
_entity_poly.pdbx_seq_one_letter_code
;SNA(MSE)TKSRFFSDVAETSSFVFAVAGADDEVVLETIRLALKQKLGKFLLFGKKEDKTLTANESVTWIQTDTAEAAAQ
GAILAVKNKEADILVKGFIPTATL(MSE)HHVLKKENGLRTDQLLSQIAIFDIPTYHKPLLITDCA(MSE)NVAPKTKEK
IAITENALAVAHQIGITNPKIALLSAVEEVTAK(MSE)PSTLEAQEVVQHFGNQISVSGPLALDVAISKEAALHKGITDS
SAGEADILIAPNIETGNALYKSLVYFAGAKVGSAVVGAKVPIVISSRNDSPENKLASFILTVRLVEK
;
_entity_poly.pdbx_strand_id   A,B
#
# COMPACT_ATOMS: atom_id res chain seq x y z
N THR A 5 -15.93 11.70 -16.40
CA THR A 5 -16.94 10.68 -16.20
C THR A 5 -16.29 9.32 -15.93
N LYS A 6 -17.02 8.43 -15.26
CA LYS A 6 -16.49 7.11 -14.94
C LYS A 6 -17.60 6.14 -14.54
N SER A 7 -17.24 4.87 -14.46
CA SER A 7 -18.15 3.82 -14.02
C SER A 7 -17.93 3.48 -12.54
N ARG A 8 -18.99 3.62 -11.74
CA ARG A 8 -18.97 3.36 -10.31
C ARG A 8 -19.79 2.13 -9.95
N PHE A 9 -19.25 1.28 -9.08
CA PHE A 9 -19.95 0.08 -8.66
C PHE A 9 -21.09 0.39 -7.69
N PHE A 10 -20.89 1.42 -6.87
CA PHE A 10 -21.88 1.84 -5.90
C PHE A 10 -22.58 3.12 -6.37
N SER A 11 -23.36 2.99 -7.42
CA SER A 11 -24.12 4.12 -7.96
C SER A 11 -25.34 4.43 -7.11
N ASP A 12 -26.52 4.18 -7.66
CA ASP A 12 -27.77 4.46 -6.96
C ASP A 12 -28.61 3.21 -6.73
N GLU A 15 -30.54 -0.05 -5.03
CA GLU A 15 -30.39 -1.50 -4.95
C GLU A 15 -31.20 -2.08 -3.80
N THR A 16 -32.06 -3.03 -4.14
CA THR A 16 -32.97 -3.67 -3.16
C THR A 16 -33.04 -5.22 -3.16
N SER A 17 -33.61 -5.82 -2.12
CA SER A 17 -33.85 -7.28 -2.07
C SER A 17 -34.55 -7.82 -0.81
N SER A 18 -35.05 -9.05 -0.90
CA SER A 18 -35.56 -9.82 0.24
C SER A 18 -34.56 -10.83 0.83
N PHE A 19 -33.28 -10.68 0.52
CA PHE A 19 -32.27 -11.58 1.09
C PHE A 19 -32.13 -11.36 2.58
N VAL A 20 -31.60 -12.37 3.27
CA VAL A 20 -31.58 -12.35 4.71
C VAL A 20 -30.15 -12.36 5.21
N PHE A 21 -29.84 -11.37 6.05
CA PHE A 21 -28.57 -11.31 6.77
C PHE A 21 -28.76 -11.90 8.14
N ALA A 22 -27.94 -12.89 8.49
CA ALA A 22 -27.89 -13.38 9.86
C ALA A 22 -26.77 -12.65 10.58
N VAL A 23 -27.15 -11.85 11.58
CA VAL A 23 -26.15 -11.06 12.30
C VAL A 23 -25.76 -11.73 13.62
N ALA A 24 -24.50 -12.15 13.67
CA ALA A 24 -23.90 -12.74 14.88
C ALA A 24 -23.45 -11.66 15.86
N GLY A 25 -24.33 -11.29 16.79
CA GLY A 25 -23.97 -10.30 17.79
C GLY A 25 -24.56 -8.95 17.45
N ALA A 26 -25.89 -8.89 17.39
CA ALA A 26 -26.55 -7.64 17.04
C ALA A 26 -26.66 -6.75 18.25
N ASP A 27 -25.55 -6.08 18.57
CA ASP A 27 -25.47 -5.18 19.70
C ASP A 27 -24.54 -4.02 19.37
N ASP A 28 -24.65 -2.94 20.14
CA ASP A 28 -23.80 -1.77 19.96
C ASP A 28 -24.03 -1.06 18.63
N GLU A 29 -24.01 0.27 18.66
CA GLU A 29 -24.38 1.06 17.49
C GLU A 29 -23.41 0.87 16.34
N VAL A 30 -22.20 0.45 16.65
CA VAL A 30 -21.21 0.22 15.61
C VAL A 30 -21.68 -0.92 14.73
N VAL A 31 -22.58 -1.74 15.27
CA VAL A 31 -23.18 -2.83 14.51
C VAL A 31 -24.53 -2.42 13.93
N LEU A 32 -25.38 -1.82 14.77
CA LEU A 32 -26.76 -1.51 14.39
C LEU A 32 -26.91 -0.37 13.39
N GLU A 33 -25.98 0.58 13.40
CA GLU A 33 -26.11 1.74 12.51
C GLU A 33 -26.22 1.30 11.05
N THR A 34 -25.45 0.28 10.69
CA THR A 34 -25.43 -0.22 9.33
C THR A 34 -26.71 -0.93 8.97
N ILE A 35 -27.30 -1.58 9.96
CA ILE A 35 -28.52 -2.32 9.73
C ILE A 35 -29.67 -1.35 9.50
N ARG A 36 -29.66 -0.25 10.26
CA ARG A 36 -30.67 0.80 10.08
C ARG A 36 -30.65 1.34 8.66
N LEU A 37 -29.45 1.65 8.17
CA LEU A 37 -29.32 2.19 6.82
C LEU A 37 -29.78 1.17 5.77
N ALA A 38 -29.49 -0.10 6.00
CA ALA A 38 -29.88 -1.16 5.07
C ALA A 38 -31.41 -1.27 4.97
N LEU A 39 -32.07 -1.19 6.11
CA LEU A 39 -33.53 -1.27 6.16
C LEU A 39 -34.20 -0.07 5.50
N LYS A 40 -33.62 1.12 5.69
CA LYS A 40 -34.20 2.35 5.12
C LYS A 40 -34.17 2.31 3.60
N GLN A 41 -33.30 1.46 3.07
CA GLN A 41 -33.08 1.33 1.64
C GLN A 41 -33.76 0.06 1.15
N LYS A 42 -34.31 -0.71 2.08
CA LYS A 42 -34.92 -2.00 1.79
C LYS A 42 -33.92 -2.98 1.18
N LEU A 43 -32.67 -2.92 1.63
CA LEU A 43 -31.63 -3.75 1.05
C LEU A 43 -31.84 -5.24 1.32
N GLY A 44 -32.41 -5.56 2.48
CA GLY A 44 -32.68 -6.94 2.81
C GLY A 44 -33.34 -7.11 4.17
N LYS A 45 -33.37 -8.35 4.66
CA LYS A 45 -33.98 -8.67 5.95
C LYS A 45 -32.88 -9.10 6.91
N PHE A 46 -33.22 -9.13 8.21
CA PHE A 46 -32.21 -9.36 9.22
C PHE A 46 -32.65 -10.34 10.29
N LEU A 47 -31.80 -11.33 10.58
CA LEU A 47 -31.94 -12.13 11.79
C LEU A 47 -30.93 -11.59 12.77
N LEU A 48 -31.41 -11.03 13.89
CA LEU A 48 -30.53 -10.38 14.84
C LEU A 48 -30.33 -11.21 16.11
N PHE A 49 -29.21 -11.92 16.15
CA PHE A 49 -28.82 -12.66 17.35
C PHE A 49 -28.04 -11.72 18.27
N GLY A 50 -28.68 -11.25 19.34
CA GLY A 50 -28.01 -10.32 20.23
C GLY A 50 -28.55 -10.38 21.65
N LYS A 51 -27.93 -9.60 22.53
CA LYS A 51 -28.20 -9.70 23.96
C LYS A 51 -29.25 -8.69 24.42
N LYS A 52 -29.10 -7.43 23.99
CA LYS A 52 -30.01 -6.38 24.42
C LYS A 52 -30.83 -5.86 23.24
N GLU A 53 -32.13 -6.12 23.28
CA GLU A 53 -32.97 -5.80 22.14
C GLU A 53 -33.19 -4.31 21.97
N ASP A 54 -33.17 -3.86 20.72
CA ASP A 54 -33.50 -2.48 20.40
C ASP A 54 -34.89 -2.45 19.78
N LYS A 55 -35.88 -2.10 20.59
CA LYS A 55 -37.28 -2.24 20.23
C LYS A 55 -37.65 -1.44 18.99
N THR A 56 -37.10 -0.25 18.88
CA THR A 56 -37.45 0.64 17.78
C THR A 56 -36.89 0.07 16.47
N LEU A 57 -35.87 -0.77 16.58
CA LEU A 57 -35.33 -1.46 15.42
C LEU A 57 -36.08 -2.77 15.16
N THR A 58 -36.36 -3.50 16.23
CA THR A 58 -37.05 -4.78 16.10
C THR A 58 -38.52 -4.64 15.73
N ALA A 59 -39.02 -3.40 15.71
CA ALA A 59 -40.38 -3.15 15.26
C ALA A 59 -40.48 -3.11 13.73
N ASN A 60 -39.34 -3.13 13.05
CA ASN A 60 -39.34 -3.21 11.61
C ASN A 60 -39.77 -4.63 11.20
N GLU A 61 -40.75 -4.72 10.31
CA GLU A 61 -41.27 -6.01 9.84
C GLU A 61 -40.19 -6.93 9.27
N SER A 62 -39.14 -6.36 8.70
CA SER A 62 -38.08 -7.15 8.08
C SER A 62 -36.96 -7.54 9.05
N VAL A 63 -37.20 -7.33 10.34
CA VAL A 63 -36.22 -7.70 11.36
C VAL A 63 -36.78 -8.75 12.31
N THR A 64 -35.99 -9.77 12.62
CA THR A 64 -36.39 -10.72 13.66
C THR A 64 -35.33 -10.78 14.74
N TRP A 65 -35.74 -10.68 16.01
CA TRP A 65 -34.77 -10.68 17.12
C TRP A 65 -34.67 -12.05 17.77
N ILE A 66 -33.46 -12.55 17.96
CA ILE A 66 -33.28 -13.80 18.68
C ILE A 66 -32.40 -13.54 19.90
N GLN A 67 -32.96 -13.71 21.09
CA GLN A 67 -32.23 -13.41 22.31
C GLN A 67 -31.06 -14.37 22.47
N THR A 68 -29.87 -13.81 22.57
CA THR A 68 -28.64 -14.58 22.68
C THR A 68 -27.68 -13.85 23.61
N ASP A 69 -27.30 -14.50 24.70
CA ASP A 69 -26.64 -13.81 25.80
C ASP A 69 -25.11 -13.84 25.76
N THR A 70 -24.54 -14.79 25.03
CA THR A 70 -23.09 -14.87 24.89
C THR A 70 -22.64 -14.76 23.46
N ALA A 71 -21.38 -14.38 23.29
CA ALA A 71 -20.75 -14.32 21.98
C ALA A 71 -20.88 -15.64 21.24
N GLU A 72 -20.67 -16.74 21.97
CA GLU A 72 -20.71 -18.08 21.39
C GLU A 72 -22.11 -18.42 20.84
N ALA A 73 -23.15 -18.17 21.63
CA ALA A 73 -24.51 -18.46 21.21
C ALA A 73 -24.93 -17.62 20.01
N ALA A 74 -24.40 -16.41 19.93
CA ALA A 74 -24.71 -15.55 18.79
C ALA A 74 -24.08 -16.12 17.53
N ALA A 75 -22.80 -16.46 17.61
CA ALA A 75 -22.11 -17.04 16.47
C ALA A 75 -22.79 -18.34 16.05
N GLN A 76 -23.01 -19.24 16.99
CA GLN A 76 -23.63 -20.52 16.66
C GLN A 76 -25.05 -20.34 16.10
N GLY A 77 -25.76 -19.34 16.62
CA GLY A 77 -27.10 -19.05 16.16
C GLY A 77 -27.09 -18.65 14.70
N ALA A 78 -26.26 -17.66 14.37
CA ALA A 78 -26.13 -17.18 13.00
C ALA A 78 -25.66 -18.26 12.02
N ILE A 79 -24.66 -19.02 12.41
CA ILE A 79 -24.17 -20.13 11.58
C ILE A 79 -25.31 -21.09 11.28
N LEU A 80 -25.94 -21.62 12.33
CA LEU A 80 -27.04 -22.56 12.14
C LEU A 80 -28.13 -22.00 11.20
N ALA A 81 -28.43 -20.71 11.34
CA ALA A 81 -29.38 -20.09 10.43
C ALA A 81 -28.90 -20.21 8.97
N VAL A 82 -27.62 -19.98 8.72
CA VAL A 82 -27.10 -20.13 7.36
C VAL A 82 -27.14 -21.59 6.92
N LYS A 83 -26.76 -22.48 7.82
CA LYS A 83 -26.76 -23.90 7.54
C LYS A 83 -28.19 -24.39 7.24
N ASN A 84 -29.15 -23.86 7.98
CA ASN A 84 -30.54 -24.28 7.83
C ASN A 84 -31.20 -23.56 6.67
N LYS A 85 -30.40 -22.73 5.99
CA LYS A 85 -30.84 -22.04 4.78
C LYS A 85 -31.89 -20.95 5.06
N GLU A 86 -31.88 -20.43 6.27
CA GLU A 86 -32.79 -19.34 6.64
C GLU A 86 -32.18 -17.98 6.34
N ALA A 87 -30.88 -17.96 6.09
CA ALA A 87 -30.13 -16.72 5.85
C ALA A 87 -29.27 -16.89 4.61
N ASP A 88 -29.04 -15.80 3.90
CA ASP A 88 -28.32 -15.85 2.64
C ASP A 88 -26.90 -15.34 2.85
N ILE A 89 -26.73 -14.55 3.91
CA ILE A 89 -25.50 -13.80 4.12
C ILE A 89 -25.22 -13.80 5.63
N LEU A 90 -23.95 -13.95 5.98
CA LEU A 90 -23.55 -14.03 7.38
C LEU A 90 -22.80 -12.78 7.72
N VAL A 91 -23.20 -12.13 8.82
CA VAL A 91 -22.57 -10.88 9.23
C VAL A 91 -21.97 -11.01 10.64
N LYS A 92 -20.68 -10.68 10.79
CA LYS A 92 -20.09 -10.61 12.12
C LYS A 92 -20.57 -9.35 12.83
N GLY A 93 -21.09 -9.52 14.03
CA GLY A 93 -21.48 -8.39 14.86
C GLY A 93 -20.47 -8.05 15.94
N PHE A 94 -20.96 -7.94 17.17
CA PHE A 94 -20.14 -7.47 18.28
C PHE A 94 -19.53 -8.66 19.01
N ILE A 95 -18.74 -9.43 18.27
CA ILE A 95 -18.01 -10.55 18.82
C ILE A 95 -16.63 -10.59 18.17
N PRO A 96 -15.67 -11.26 18.81
CA PRO A 96 -14.36 -11.43 18.16
C PRO A 96 -14.52 -12.16 16.84
N THR A 97 -13.75 -11.73 15.84
CA THR A 97 -13.76 -12.40 14.54
C THR A 97 -13.46 -13.89 14.72
N ALA A 98 -12.50 -14.19 15.60
CA ALA A 98 -12.11 -15.56 15.89
C ALA A 98 -13.29 -16.44 16.31
N THR A 99 -14.17 -15.89 17.13
CA THR A 99 -15.31 -16.66 17.62
C THR A 99 -16.22 -17.11 16.47
N LEU A 100 -16.46 -16.24 15.51
CA LEU A 100 -17.24 -16.62 14.33
C LEU A 100 -16.46 -17.60 13.44
N HIS A 102 -14.08 -19.65 13.88
CA HIS A 102 -13.88 -21.00 14.40
C HIS A 102 -15.02 -21.88 13.93
N HIS A 103 -16.24 -21.37 14.03
CA HIS A 103 -17.42 -22.15 13.65
C HIS A 103 -17.63 -22.19 12.14
N VAL A 104 -17.30 -21.08 11.47
CA VAL A 104 -17.41 -21.04 10.02
C VAL A 104 -16.49 -22.09 9.38
N LEU A 105 -15.32 -22.27 9.98
CA LEU A 105 -14.31 -23.14 9.40
C LEU A 105 -14.48 -24.60 9.79
N LYS A 106 -15.48 -24.88 10.63
CA LYS A 106 -15.83 -26.27 10.92
C LYS A 106 -16.68 -26.79 9.79
N LYS A 107 -16.13 -27.69 9.00
CA LYS A 107 -16.81 -28.23 7.82
C LYS A 107 -18.22 -28.74 8.16
N GLU A 108 -18.37 -29.34 9.34
CA GLU A 108 -19.65 -29.89 9.76
C GLU A 108 -20.78 -28.87 9.60
N ASN A 109 -20.43 -27.59 9.66
CA ASN A 109 -21.45 -26.54 9.67
C ASN A 109 -21.94 -26.13 8.30
N GLY A 110 -21.41 -26.77 7.26
CA GLY A 110 -21.90 -26.58 5.91
C GLY A 110 -21.40 -25.37 5.14
N LEU A 111 -20.62 -24.51 5.79
CA LEU A 111 -20.16 -23.26 5.13
C LEU A 111 -18.84 -23.41 4.37
N ARG A 112 -17.86 -24.04 5.01
CA ARG A 112 -16.56 -24.25 4.42
C ARG A 112 -16.59 -25.52 3.58
N THR A 113 -16.18 -25.39 2.33
CA THR A 113 -16.11 -26.51 1.40
C THR A 113 -14.64 -26.86 1.16
N ASP A 114 -14.32 -27.27 -0.07
CA ASP A 114 -12.94 -27.55 -0.49
C ASP A 114 -12.17 -26.26 -0.75
N GLN A 115 -12.91 -25.20 -1.01
CA GLN A 115 -12.33 -23.95 -1.49
C GLN A 115 -11.75 -23.10 -0.37
N LEU A 116 -10.55 -22.59 -0.59
CA LEU A 116 -9.96 -21.61 0.29
C LEU A 116 -10.89 -20.41 0.41
N LEU A 117 -11.07 -19.90 1.62
CA LEU A 117 -11.73 -18.62 1.80
C LEU A 117 -10.69 -17.52 1.69
N SER A 118 -11.13 -16.36 1.25
CA SER A 118 -10.25 -15.22 1.12
C SER A 118 -11.08 -13.97 1.29
N GLN A 119 -10.44 -12.88 1.70
CA GLN A 119 -11.13 -11.60 1.77
C GLN A 119 -10.99 -10.92 0.41
N ILE A 120 -12.03 -10.19 0.02
CA ILE A 120 -11.95 -9.37 -1.19
C ILE A 120 -12.72 -8.07 -1.00
N ALA A 121 -12.15 -6.99 -1.55
CA ALA A 121 -12.77 -5.67 -1.46
C ALA A 121 -12.94 -5.07 -2.85
N ILE A 122 -14.04 -4.37 -3.07
CA ILE A 122 -14.20 -3.60 -4.30
C ILE A 122 -14.28 -2.09 -4.02
N PHE A 123 -13.51 -1.32 -4.79
CA PHE A 123 -13.35 0.13 -4.59
C PHE A 123 -13.87 0.95 -5.77
N ASP A 124 -14.55 2.04 -5.44
CA ASP A 124 -14.78 3.12 -6.39
C ASP A 124 -13.79 4.19 -5.98
N ILE A 125 -12.73 4.36 -6.75
CA ILE A 125 -11.68 5.30 -6.41
C ILE A 125 -11.81 6.53 -7.31
N PRO A 126 -12.01 7.71 -6.73
CA PRO A 126 -12.33 8.81 -7.64
C PRO A 126 -11.27 8.98 -8.74
N THR A 127 -10.03 8.57 -8.49
CA THR A 127 -8.98 8.74 -9.49
C THR A 127 -8.73 7.51 -10.36
N TYR A 128 -9.58 6.50 -10.26
CA TYR A 128 -9.56 5.40 -11.21
C TYR A 128 -10.84 5.37 -12.04
N HIS A 129 -10.73 4.90 -13.28
CA HIS A 129 -11.80 5.07 -14.26
C HIS A 129 -12.91 4.03 -14.19
N LYS A 130 -12.72 3.01 -13.35
CA LYS A 130 -13.71 1.93 -13.20
C LYS A 130 -13.52 1.27 -11.83
N PRO A 131 -14.46 0.38 -11.44
CA PRO A 131 -14.27 -0.34 -10.17
C PRO A 131 -12.98 -1.15 -10.15
N LEU A 132 -12.39 -1.31 -8.97
CA LEU A 132 -11.17 -2.09 -8.82
C LEU A 132 -11.33 -3.05 -7.65
N LEU A 133 -11.00 -4.31 -7.87
CA LEU A 133 -11.06 -5.31 -6.81
C LEU A 133 -9.64 -5.61 -6.31
N ILE A 134 -9.51 -5.81 -5.00
CA ILE A 134 -8.22 -6.15 -4.41
C ILE A 134 -8.40 -7.29 -3.41
N THR A 135 -7.52 -8.29 -3.51
CA THR A 135 -7.55 -9.45 -2.62
C THR A 135 -6.10 -9.94 -2.50
N ASP A 136 -5.68 -10.46 -1.35
CA ASP A 136 -6.48 -10.62 -0.13
C ASP A 136 -5.92 -9.65 0.92
N CYS A 137 -6.78 -8.83 1.52
CA CYS A 137 -6.32 -7.68 2.29
C CYS A 137 -6.47 -7.88 3.80
N ALA A 138 -6.92 -9.06 4.22
CA ALA A 138 -7.36 -9.22 5.61
C ALA A 138 -7.38 -10.66 6.12
N ASN A 140 -5.84 -14.25 4.28
CA ASN A 140 -4.65 -15.08 4.07
C ASN A 140 -3.39 -14.28 4.32
N VAL A 141 -2.56 -14.77 5.23
CA VAL A 141 -1.42 -13.98 5.68
C VAL A 141 -0.25 -13.97 4.70
N ALA A 142 0.28 -15.16 4.42
CA ALA A 142 1.42 -15.30 3.52
C ALA A 142 1.12 -16.34 2.44
N PRO A 143 0.12 -16.06 1.60
CA PRO A 143 -0.32 -17.01 0.58
C PRO A 143 0.80 -17.34 -0.41
N LYS A 144 1.07 -18.63 -0.63
CA LYS A 144 2.04 -19.01 -1.64
C LYS A 144 1.35 -19.16 -2.99
N THR A 145 1.99 -19.87 -3.92
CA THR A 145 1.45 -20.02 -5.26
C THR A 145 0.09 -20.74 -5.26
N LYS A 146 0.02 -21.84 -4.51
CA LYS A 146 -1.21 -22.60 -4.32
C LYS A 146 -2.38 -21.73 -3.80
N GLU A 147 -2.12 -20.94 -2.76
CA GLU A 147 -3.18 -20.10 -2.19
C GLU A 147 -3.53 -18.94 -3.11
N LYS A 148 -2.51 -18.39 -3.75
CA LYS A 148 -2.74 -17.28 -4.68
C LYS A 148 -3.53 -17.72 -5.91
N ILE A 149 -3.36 -18.97 -6.33
CA ILE A 149 -4.21 -19.47 -7.40
C ILE A 149 -5.67 -19.50 -6.93
N ALA A 150 -5.91 -19.97 -5.71
CA ALA A 150 -7.27 -20.06 -5.18
C ALA A 150 -7.85 -18.69 -4.88
N ILE A 151 -7.00 -17.78 -4.41
CA ILE A 151 -7.40 -16.40 -4.20
C ILE A 151 -7.88 -15.82 -5.52
N THR A 152 -7.17 -16.14 -6.60
CA THR A 152 -7.52 -15.62 -7.93
C THR A 152 -8.83 -16.23 -8.45
N GLU A 153 -9.01 -17.53 -8.23
CA GLU A 153 -10.27 -18.22 -8.57
C GLU A 153 -11.45 -17.55 -7.88
N ASN A 154 -11.31 -17.25 -6.59
CA ASN A 154 -12.35 -16.56 -5.85
C ASN A 154 -12.68 -15.20 -6.46
N ALA A 155 -11.63 -14.46 -6.82
CA ALA A 155 -11.81 -13.11 -7.36
C ALA A 155 -12.51 -13.21 -8.70
N LEU A 156 -12.12 -14.20 -9.49
CA LEU A 156 -12.75 -14.44 -10.78
C LEU A 156 -14.24 -14.70 -10.59
N ALA A 157 -14.58 -15.62 -9.69
CA ALA A 157 -15.97 -15.92 -9.38
C ALA A 157 -16.71 -14.63 -9.04
N VAL A 158 -16.09 -13.80 -8.22
CA VAL A 158 -16.69 -12.55 -7.78
C VAL A 158 -16.91 -11.59 -8.95
N ALA A 159 -15.88 -11.42 -9.77
CA ALA A 159 -15.99 -10.58 -10.95
C ALA A 159 -17.15 -11.03 -11.84
N HIS A 160 -17.25 -12.33 -12.10
CA HIS A 160 -18.28 -12.84 -12.97
C HIS A 160 -19.66 -12.63 -12.37
N GLN A 161 -19.83 -13.01 -11.09
CA GLN A 161 -21.09 -12.79 -10.40
C GLN A 161 -21.56 -11.33 -10.49
N ILE A 162 -20.62 -10.40 -10.51
CA ILE A 162 -21.03 -9.00 -10.52
C ILE A 162 -21.04 -8.31 -11.90
N GLY A 163 -20.82 -9.09 -12.96
CA GLY A 163 -21.03 -8.58 -14.30
C GLY A 163 -19.79 -8.09 -15.03
N ILE A 164 -18.62 -8.37 -14.48
CA ILE A 164 -17.37 -8.08 -15.18
C ILE A 164 -16.97 -9.34 -15.94
N THR A 165 -17.22 -9.34 -17.25
CA THR A 165 -17.21 -10.60 -17.98
C THR A 165 -15.81 -11.15 -18.28
N ASN A 166 -14.84 -10.25 -18.47
CA ASN A 166 -13.47 -10.63 -18.79
C ASN A 166 -12.47 -9.85 -17.94
N PRO A 167 -12.45 -10.11 -16.63
CA PRO A 167 -11.63 -9.34 -15.69
C PRO A 167 -10.14 -9.36 -16.03
N LYS A 168 -9.51 -8.19 -16.04
CA LYS A 168 -8.05 -8.11 -16.22
C LYS A 168 -7.39 -8.23 -14.85
N ILE A 169 -6.63 -9.30 -14.68
CA ILE A 169 -6.07 -9.63 -13.38
C ILE A 169 -4.56 -9.38 -13.37
N ALA A 170 -4.08 -8.71 -12.32
CA ALA A 170 -2.66 -8.37 -12.19
C ALA A 170 -2.11 -8.85 -10.86
N LEU A 171 -1.10 -9.69 -10.92
CA LEU A 171 -0.40 -10.13 -9.72
C LEU A 171 0.59 -9.07 -9.27
N LEU A 172 0.29 -8.42 -8.14
CA LEU A 172 1.08 -7.30 -7.65
C LEU A 172 2.41 -7.74 -7.07
N SER A 173 3.46 -6.97 -7.37
CA SER A 173 4.71 -7.05 -6.62
C SER A 173 5.37 -5.68 -6.68
N ALA A 174 6.64 -5.61 -6.33
CA ALA A 174 7.36 -4.33 -6.29
C ALA A 174 8.07 -4.07 -7.61
N VAL A 175 8.10 -5.09 -8.45
CA VAL A 175 8.99 -5.12 -9.60
C VAL A 175 8.37 -5.97 -10.71
N GLU A 176 8.80 -5.79 -11.96
CA GLU A 176 8.29 -6.64 -13.06
C GLU A 176 9.22 -7.80 -13.39
N GLU A 177 10.49 -7.70 -13.03
CA GLU A 177 11.41 -8.81 -13.25
C GLU A 177 11.17 -9.94 -12.26
N VAL A 178 11.24 -11.18 -12.74
CA VAL A 178 11.12 -12.34 -11.88
C VAL A 178 12.52 -12.70 -11.36
N THR A 179 12.69 -12.69 -10.03
CA THR A 179 13.98 -13.00 -9.41
C THR A 179 13.89 -13.81 -8.11
N ALA A 180 14.92 -14.60 -7.85
CA ALA A 180 15.01 -15.37 -6.60
C ALA A 180 15.06 -14.47 -5.36
N LYS A 181 15.67 -13.30 -5.52
CA LYS A 181 15.73 -12.29 -4.46
C LYS A 181 14.33 -11.97 -3.92
N PRO A 183 10.76 -13.57 -3.88
CA PRO A 183 9.90 -14.74 -4.06
C PRO A 183 8.50 -14.39 -4.57
N SER A 184 7.94 -13.26 -4.17
CA SER A 184 6.64 -12.88 -4.69
C SER A 184 6.63 -12.74 -6.21
N THR A 185 7.79 -12.48 -6.82
CA THR A 185 7.85 -12.37 -8.28
C THR A 185 7.71 -13.74 -8.96
N LEU A 186 8.31 -14.77 -8.38
CA LEU A 186 8.21 -16.13 -8.93
C LEU A 186 6.81 -16.72 -8.74
N GLU A 187 6.22 -16.49 -7.59
CA GLU A 187 4.87 -16.95 -7.34
C GLU A 187 3.91 -16.30 -8.33
N ALA A 188 4.14 -15.02 -8.62
CA ALA A 188 3.32 -14.32 -9.61
C ALA A 188 3.45 -15.01 -10.96
N GLN A 189 4.69 -15.22 -11.39
CA GLN A 189 4.94 -15.88 -12.67
C GLN A 189 4.26 -17.26 -12.72
N GLU A 190 4.35 -18.02 -11.64
CA GLU A 190 3.76 -19.36 -11.61
C GLU A 190 2.23 -19.31 -11.68
N VAL A 191 1.62 -18.31 -11.07
CA VAL A 191 0.17 -18.19 -11.13
C VAL A 191 -0.28 -17.82 -12.55
N VAL A 192 0.40 -16.85 -13.14
CA VAL A 192 0.17 -16.49 -14.53
C VAL A 192 0.33 -17.72 -15.42
N GLN A 193 1.27 -18.59 -15.07
CA GLN A 193 1.51 -19.78 -15.85
C GLN A 193 0.37 -20.76 -15.66
N HIS A 194 -0.21 -20.75 -14.47
CA HIS A 194 -1.27 -21.70 -14.15
C HIS A 194 -2.44 -21.53 -15.13
N PHE A 195 -2.86 -20.28 -15.35
CA PHE A 195 -4.03 -19.97 -16.18
C PHE A 195 -3.82 -19.95 -17.69
N GLY A 196 -2.57 -19.82 -18.13
CA GLY A 196 -2.30 -19.74 -19.56
C GLY A 196 -3.22 -18.77 -20.28
N ASN A 197 -4.03 -19.30 -21.20
CA ASN A 197 -4.97 -18.49 -21.97
C ASN A 197 -6.37 -18.44 -21.36
N GLN A 198 -6.58 -19.18 -20.28
CA GLN A 198 -7.91 -19.29 -19.68
C GLN A 198 -8.53 -17.92 -19.36
N ILE A 199 -7.70 -17.01 -18.86
CA ILE A 199 -8.19 -15.69 -18.48
C ILE A 199 -7.16 -14.62 -18.82
N SER A 200 -7.47 -13.38 -18.48
CA SER A 200 -6.52 -12.30 -18.64
CA SER A 200 -6.52 -12.30 -18.64
C SER A 200 -5.74 -12.05 -17.36
N VAL A 201 -4.54 -12.62 -17.29
CA VAL A 201 -3.66 -12.45 -16.15
C VAL A 201 -2.30 -11.96 -16.60
N SER A 202 -1.69 -11.12 -15.77
CA SER A 202 -0.37 -10.59 -16.02
C SER A 202 0.31 -10.47 -14.65
N GLY A 203 1.63 -10.56 -14.64
CA GLY A 203 2.37 -10.47 -13.39
C GLY A 203 3.74 -11.12 -13.52
N PRO A 204 4.67 -10.73 -12.63
CA PRO A 204 4.40 -9.76 -11.58
C PRO A 204 4.35 -8.35 -12.18
N LEU A 205 3.55 -7.48 -11.58
CA LEU A 205 3.47 -6.08 -12.00
C LEU A 205 3.61 -5.17 -10.77
N ALA A 206 4.38 -4.10 -10.88
CA ALA A 206 4.32 -3.05 -9.87
C ALA A 206 2.99 -2.32 -10.03
N LEU A 207 2.57 -1.63 -8.99
CA LEU A 207 1.22 -1.09 -8.98
C LEU A 207 1.00 -0.13 -10.15
N ASP A 208 1.97 0.74 -10.42
CA ASP A 208 1.86 1.74 -11.46
C ASP A 208 1.53 1.11 -12.82
N VAL A 209 2.24 0.02 -13.12
CA VAL A 209 2.05 -0.70 -14.36
C VAL A 209 0.66 -1.34 -14.40
N ALA A 210 0.13 -1.70 -13.25
CA ALA A 210 -1.20 -2.33 -13.20
C ALA A 210 -2.34 -1.34 -13.45
N ILE A 211 -2.26 -0.13 -12.87
CA ILE A 211 -3.40 0.79 -12.95
C ILE A 211 -3.14 2.04 -13.79
N SER A 212 -1.99 2.07 -14.45
CA SER A 212 -1.63 3.18 -15.32
C SER A 212 -1.07 2.73 -16.68
N LYS A 213 -1.86 2.91 -17.73
CA LYS A 213 -1.44 2.54 -19.08
C LYS A 213 -0.20 3.33 -19.50
N GLU A 214 -0.11 4.60 -19.10
CA GLU A 214 1.09 5.39 -19.41
C GLU A 214 2.32 4.77 -18.75
N ALA A 215 2.24 4.52 -17.44
CA ALA A 215 3.33 3.83 -16.73
C ALA A 215 3.69 2.49 -17.41
N ALA A 216 2.68 1.71 -17.76
CA ALA A 216 2.88 0.45 -18.47
C ALA A 216 3.65 0.64 -19.77
N LEU A 217 3.17 1.56 -20.61
CA LEU A 217 3.80 1.80 -21.90
C LEU A 217 5.26 2.24 -21.74
N HIS A 218 5.55 3.06 -20.72
CA HIS A 218 6.91 3.54 -20.51
C HIS A 218 7.83 2.38 -20.16
N LYS A 219 7.27 1.33 -19.56
CA LYS A 219 8.07 0.16 -19.24
C LYS A 219 7.97 -0.89 -20.35
N GLY A 220 7.52 -0.48 -21.53
CA GLY A 220 7.44 -1.37 -22.68
C GLY A 220 6.45 -2.50 -22.53
N ILE A 221 5.40 -2.27 -21.74
CA ILE A 221 4.37 -3.30 -21.55
C ILE A 221 3.03 -2.86 -22.15
N THR A 222 2.52 -3.64 -23.09
CA THR A 222 1.23 -3.31 -23.72
C THR A 222 0.15 -4.38 -23.59
N ASP A 223 0.16 -5.16 -22.50
CA ASP A 223 -0.91 -6.11 -22.27
C ASP A 223 -2.07 -5.52 -21.45
N SER A 224 -3.24 -6.15 -21.57
CA SER A 224 -4.47 -5.64 -21.00
C SER A 224 -4.33 -5.26 -19.53
N SER A 225 -4.24 -6.26 -18.67
CA SER A 225 -4.19 -6.06 -17.22
C SER A 225 -3.26 -4.93 -16.80
N ALA A 226 -2.44 -4.44 -17.73
CA ALA A 226 -1.52 -3.35 -17.43
C ALA A 226 -2.14 -2.00 -17.79
N GLY A 227 -2.48 -1.22 -16.78
CA GLY A 227 -3.15 0.05 -17.01
C GLY A 227 -4.66 -0.10 -16.93
N GLU A 228 -5.14 -1.34 -17.03
CA GLU A 228 -6.57 -1.60 -17.04
C GLU A 228 -6.99 -2.78 -16.16
N ALA A 229 -6.21 -3.05 -15.12
CA ALA A 229 -6.55 -4.09 -14.15
C ALA A 229 -7.95 -3.91 -13.53
N ASP A 230 -8.72 -5.00 -13.44
CA ASP A 230 -9.98 -5.00 -12.69
C ASP A 230 -9.77 -5.62 -11.32
N ILE A 231 -8.70 -6.41 -11.21
CA ILE A 231 -8.41 -7.16 -9.98
C ILE A 231 -6.91 -7.17 -9.74
N LEU A 232 -6.53 -6.81 -8.52
CA LEU A 232 -5.15 -6.88 -8.06
C LEU A 232 -5.04 -8.03 -7.10
N ILE A 233 -4.09 -8.93 -7.35
CA ILE A 233 -3.85 -10.00 -6.38
C ILE A 233 -2.65 -9.61 -5.53
N ALA A 234 -2.91 -9.33 -4.26
CA ALA A 234 -1.86 -8.90 -3.32
C ALA A 234 -0.85 -10.01 -3.10
N PRO A 235 0.44 -9.63 -3.04
CA PRO A 235 1.56 -10.54 -2.81
C PRO A 235 1.58 -11.06 -1.37
N ASN A 236 1.07 -10.27 -0.44
CA ASN A 236 0.99 -10.69 0.95
C ASN A 236 -0.07 -9.85 1.63
N ILE A 237 -0.36 -10.16 2.89
CA ILE A 237 -1.48 -9.48 3.54
C ILE A 237 -1.13 -8.04 3.92
N GLU A 238 0.13 -7.78 4.27
CA GLU A 238 0.55 -6.42 4.63
C GLU A 238 0.36 -5.46 3.46
N THR A 239 0.66 -5.94 2.26
CA THR A 239 0.48 -5.17 1.05
C THR A 239 -0.99 -4.92 0.74
N GLY A 240 -1.80 -5.97 0.78
CA GLY A 240 -3.22 -5.85 0.54
C GLY A 240 -3.88 -4.92 1.54
N ASN A 241 -3.55 -5.10 2.81
CA ASN A 241 -4.15 -4.28 3.84
C ASN A 241 -3.76 -2.80 3.65
N ALA A 242 -2.48 -2.57 3.40
CA ALA A 242 -1.97 -1.21 3.27
C ALA A 242 -2.59 -0.52 2.06
N LEU A 243 -2.71 -1.25 0.94
CA LEU A 243 -3.36 -0.69 -0.25
C LEU A 243 -4.79 -0.28 0.08
N TYR A 244 -5.50 -1.21 0.71
CA TYR A 244 -6.89 -1.01 1.11
C TYR A 244 -7.04 0.28 1.90
N LYS A 245 -6.23 0.39 2.95
CA LYS A 245 -6.35 1.50 3.87
C LYS A 245 -5.95 2.80 3.19
N SER A 246 -4.94 2.70 2.32
CA SER A 246 -4.43 3.87 1.62
C SER A 246 -5.53 4.47 0.75
N LEU A 247 -6.25 3.61 0.06
CA LEU A 247 -7.32 4.09 -0.83
C LEU A 247 -8.44 4.72 -0.05
N VAL A 248 -8.72 4.17 1.13
CA VAL A 248 -9.81 4.67 1.95
C VAL A 248 -9.44 5.99 2.59
N TYR A 249 -8.23 6.06 3.15
CA TYR A 249 -7.88 7.18 4.00
C TYR A 249 -7.22 8.32 3.22
N PHE A 250 -6.64 8.03 2.07
CA PHE A 250 -5.95 9.06 1.33
C PHE A 250 -6.55 9.36 -0.05
N ALA A 251 -7.22 8.37 -0.63
CA ALA A 251 -7.76 8.51 -1.99
C ALA A 251 -9.28 8.70 -2.02
N GLY A 252 -9.90 8.80 -0.85
CA GLY A 252 -11.33 9.05 -0.75
C GLY A 252 -12.21 7.96 -1.37
N ALA A 253 -11.72 6.71 -1.37
CA ALA A 253 -12.43 5.63 -2.03
C ALA A 253 -13.58 5.09 -1.18
N LYS A 254 -14.67 4.75 -1.85
CA LYS A 254 -15.74 3.96 -1.24
C LYS A 254 -15.42 2.51 -1.51
N VAL A 255 -15.54 1.68 -0.48
CA VAL A 255 -15.19 0.27 -0.60
C VAL A 255 -16.23 -0.62 0.12
N GLY A 256 -16.50 -1.78 -0.46
CA GLY A 256 -17.30 -2.78 0.21
C GLY A 256 -16.43 -4.03 0.21
N SER A 257 -16.47 -4.78 1.31
CA SER A 257 -15.57 -5.92 1.46
C SER A 257 -16.37 -7.15 1.90
N ALA A 258 -15.94 -8.35 1.51
CA ALA A 258 -16.53 -9.58 1.99
C ALA A 258 -15.53 -10.71 2.05
N VAL A 259 -15.87 -11.74 2.81
CA VAL A 259 -15.11 -12.99 2.75
C VAL A 259 -15.88 -13.92 1.85
N VAL A 260 -15.21 -14.42 0.83
CA VAL A 260 -15.87 -15.27 -0.16
C VAL A 260 -15.18 -16.61 -0.16
N GLY A 261 -15.78 -17.58 -0.84
CA GLY A 261 -15.20 -18.91 -0.97
C GLY A 261 -15.99 -19.90 -0.18
N ALA A 262 -16.79 -19.37 0.73
CA ALA A 262 -17.67 -20.18 1.54
C ALA A 262 -19.02 -20.28 0.82
N LYS A 263 -19.94 -21.06 1.38
CA LYS A 263 -21.24 -21.26 0.73
C LYS A 263 -22.09 -20.00 0.66
N VAL A 264 -21.85 -19.07 1.59
CA VAL A 264 -22.50 -17.76 1.54
C VAL A 264 -21.45 -16.70 1.77
N PRO A 265 -21.70 -15.46 1.32
CA PRO A 265 -20.77 -14.37 1.60
C PRO A 265 -20.77 -14.04 3.09
N ILE A 266 -19.63 -13.56 3.59
CA ILE A 266 -19.52 -13.22 5.00
C ILE A 266 -19.07 -11.77 5.14
N VAL A 267 -19.80 -10.99 5.91
CA VAL A 267 -19.38 -9.64 6.21
C VAL A 267 -18.58 -9.64 7.51
N ILE A 268 -17.34 -9.15 7.42
CA ILE A 268 -16.50 -8.98 8.60
C ILE A 268 -15.89 -7.59 8.53
N SER A 269 -16.56 -6.63 9.14
CA SER A 269 -16.12 -5.25 9.00
C SER A 269 -15.22 -4.79 10.14
N SER A 270 -14.41 -3.78 9.86
CA SER A 270 -13.48 -3.23 10.84
C SER A 270 -14.23 -2.35 11.81
N ARG A 271 -13.74 -2.30 13.05
CA ARG A 271 -14.32 -1.46 14.10
C ARG A 271 -14.40 0.03 13.73
N ASN A 272 -13.58 0.45 12.79
CA ASN A 272 -13.58 1.85 12.40
C ASN A 272 -13.81 2.05 10.90
N ASP A 273 -14.49 1.10 10.28
CA ASP A 273 -14.99 1.32 8.93
C ASP A 273 -16.11 2.36 9.04
N SER A 274 -16.32 3.13 7.98
CA SER A 274 -17.35 4.15 7.97
C SER A 274 -18.69 3.48 7.72
N PRO A 275 -19.78 4.10 8.21
CA PRO A 275 -21.12 3.56 7.98
C PRO A 275 -21.37 3.31 6.50
N GLU A 276 -20.96 4.26 5.66
CA GLU A 276 -21.15 4.15 4.22
C GLU A 276 -20.41 2.97 3.62
N ASN A 277 -19.19 2.73 4.09
CA ASN A 277 -18.41 1.57 3.66
C ASN A 277 -18.91 0.26 4.25
N LYS A 278 -19.45 0.33 5.46
CA LYS A 278 -20.07 -0.86 6.06
C LYS A 278 -21.32 -1.25 5.28
N LEU A 279 -22.09 -0.23 4.87
CA LEU A 279 -23.27 -0.45 4.03
C LEU A 279 -22.84 -0.99 2.67
N ALA A 280 -21.76 -0.41 2.14
CA ALA A 280 -21.19 -0.83 0.87
C ALA A 280 -20.94 -2.32 0.89
N SER A 281 -20.46 -2.83 2.03
CA SER A 281 -20.14 -4.24 2.14
C SER A 281 -21.42 -5.11 2.08
N PHE A 282 -22.49 -4.65 2.73
CA PHE A 282 -23.79 -5.34 2.68
C PHE A 282 -24.25 -5.42 1.23
N ILE A 283 -24.16 -4.27 0.56
CA ILE A 283 -24.55 -4.18 -0.85
C ILE A 283 -23.80 -5.19 -1.70
N LEU A 284 -22.49 -5.28 -1.46
CA LEU A 284 -21.63 -6.22 -2.18
C LEU A 284 -22.12 -7.65 -1.96
N THR A 285 -22.49 -7.96 -0.72
CA THR A 285 -22.90 -9.33 -0.41
C THR A 285 -24.25 -9.65 -1.05
N VAL A 286 -25.16 -8.69 -1.06
CA VAL A 286 -26.43 -8.87 -1.77
C VAL A 286 -26.15 -9.21 -3.22
N ARG A 287 -25.23 -8.48 -3.84
CA ARG A 287 -24.96 -8.68 -5.25
C ARG A 287 -24.25 -9.99 -5.52
N LEU A 288 -23.63 -10.56 -4.48
CA LEU A 288 -22.95 -11.84 -4.61
C LEU A 288 -23.92 -13.01 -4.51
N VAL A 289 -25.10 -12.76 -3.95
CA VAL A 289 -26.09 -13.83 -3.85
C VAL A 289 -27.11 -13.74 -4.99
N GLU A 290 -26.99 -12.69 -5.80
CA GLU A 290 -27.78 -12.56 -7.03
C GLU A 290 -29.26 -12.79 -6.83
N THR B 5 -5.26 23.54 7.95
CA THR B 5 -3.87 23.93 7.87
C THR B 5 -3.00 22.70 7.69
N LYS B 6 -2.18 22.74 6.65
CA LYS B 6 -1.29 21.62 6.36
C LYS B 6 0.13 22.15 6.26
N SER B 7 1.07 21.36 6.73
CA SER B 7 2.48 21.67 6.57
C SER B 7 3.04 20.86 5.42
N ARG B 8 3.60 21.55 4.44
CA ARG B 8 4.06 20.96 3.21
C ARG B 8 5.57 21.06 3.16
N PHE B 9 6.21 19.96 2.78
CA PHE B 9 7.67 19.90 2.70
C PHE B 9 8.18 20.60 1.46
N PHE B 10 7.49 20.38 0.35
CA PHE B 10 7.91 20.97 -0.92
C PHE B 10 7.22 22.31 -1.19
N SER B 11 7.97 23.22 -1.80
CA SER B 11 7.51 24.59 -2.04
C SER B 11 7.35 24.85 -3.54
N ASP B 12 6.45 25.74 -3.89
CA ASP B 12 6.33 26.15 -5.29
C ASP B 12 7.04 27.47 -5.55
N VAL B 13 7.85 27.89 -4.58
CA VAL B 13 8.86 28.91 -4.84
C VAL B 13 10.15 28.14 -5.06
N ALA B 14 10.83 28.47 -6.15
CA ALA B 14 12.08 27.80 -6.48
C ALA B 14 13.05 27.91 -5.32
N GLU B 15 13.38 26.77 -4.72
CA GLU B 15 14.44 26.74 -3.72
C GLU B 15 15.80 26.61 -4.43
N THR B 16 16.84 27.21 -3.84
CA THR B 16 18.11 27.34 -4.53
C THR B 16 19.29 26.89 -3.68
N SER B 17 20.38 26.53 -4.34
CA SER B 17 21.63 26.16 -3.66
C SER B 17 22.81 26.09 -4.61
N SER B 18 24.00 25.92 -4.04
CA SER B 18 25.20 25.76 -4.85
C SER B 18 25.86 24.42 -4.58
N PHE B 19 25.07 23.48 -4.05
CA PHE B 19 25.53 22.11 -3.88
C PHE B 19 25.71 21.45 -5.24
N VAL B 20 26.59 20.46 -5.29
CA VAL B 20 26.96 19.83 -6.56
C VAL B 20 26.49 18.38 -6.66
N PHE B 21 25.72 18.09 -7.70
CA PHE B 21 25.28 16.74 -8.00
C PHE B 21 26.27 16.11 -8.97
N ALA B 22 26.78 14.92 -8.64
CA ALA B 22 27.62 14.18 -9.57
C ALA B 22 26.74 13.15 -10.24
N VAL B 23 26.60 13.26 -11.56
CA VAL B 23 25.65 12.43 -12.30
C VAL B 23 26.37 11.31 -13.04
N ALA B 24 26.16 10.08 -12.57
CA ALA B 24 26.78 8.89 -13.16
C ALA B 24 25.98 8.41 -14.36
N GLY B 25 26.35 8.86 -15.55
CA GLY B 25 25.67 8.48 -16.78
C GLY B 25 24.67 9.53 -17.24
N ALA B 26 25.20 10.68 -17.68
CA ALA B 26 24.37 11.84 -17.97
C ALA B 26 23.92 11.82 -19.41
N ASP B 27 22.99 10.92 -19.73
CA ASP B 27 22.47 10.76 -21.08
C ASP B 27 20.96 10.42 -21.01
N ASP B 28 20.27 10.61 -22.14
CA ASP B 28 18.83 10.34 -22.24
C ASP B 28 18.00 11.35 -21.47
N GLU B 29 16.88 11.75 -22.07
CA GLU B 29 15.96 12.71 -21.47
C GLU B 29 15.35 12.23 -20.15
N VAL B 30 15.25 10.93 -19.96
CA VAL B 30 14.70 10.43 -18.71
C VAL B 30 15.60 10.94 -17.58
N VAL B 31 16.89 11.09 -17.89
CA VAL B 31 17.86 11.62 -16.92
C VAL B 31 17.99 13.14 -17.05
N LEU B 32 18.09 13.62 -18.28
CA LEU B 32 18.37 15.03 -18.50
C LEU B 32 17.24 15.98 -18.08
N GLU B 33 16.00 15.60 -18.36
CA GLU B 33 14.86 16.50 -18.06
C GLU B 33 14.87 17.02 -16.62
N THR B 34 15.22 16.16 -15.66
CA THR B 34 15.19 16.56 -14.26
C THR B 34 16.26 17.61 -14.01
N ILE B 35 17.43 17.39 -14.63
CA ILE B 35 18.52 18.33 -14.53
C ILE B 35 18.12 19.69 -15.11
N ARG B 36 17.47 19.68 -16.28
CA ARG B 36 17.05 20.94 -16.90
C ARG B 36 16.14 21.70 -15.95
N LEU B 37 15.22 20.98 -15.31
CA LEU B 37 14.31 21.59 -14.35
C LEU B 37 15.04 22.16 -13.15
N ALA B 38 16.06 21.46 -12.67
CA ALA B 38 16.73 21.90 -11.45
C ALA B 38 17.53 23.15 -11.73
N LEU B 39 18.10 23.22 -12.93
CA LEU B 39 18.87 24.40 -13.35
C LEU B 39 17.97 25.62 -13.50
N LYS B 40 16.81 25.41 -14.09
CA LYS B 40 15.85 26.50 -14.31
C LYS B 40 15.45 27.12 -12.97
N GLN B 41 15.73 26.39 -11.91
CA GLN B 41 15.31 26.78 -10.58
C GLN B 41 16.54 27.17 -9.76
N LYS B 42 17.72 27.04 -10.38
CA LYS B 42 18.99 27.29 -9.69
C LYS B 42 19.16 26.35 -8.49
N LEU B 43 18.64 25.14 -8.61
CA LEU B 43 18.66 24.20 -7.48
C LEU B 43 20.06 23.84 -7.02
N GLY B 44 20.97 23.66 -7.98
CA GLY B 44 22.35 23.38 -7.63
C GLY B 44 23.21 23.32 -8.87
N LYS B 45 24.41 22.79 -8.72
CA LYS B 45 25.32 22.68 -9.85
C LYS B 45 25.56 21.21 -10.17
N PHE B 46 26.02 20.93 -11.39
CA PHE B 46 26.11 19.56 -11.88
C PHE B 46 27.46 19.16 -12.47
N LEU B 47 27.89 17.95 -12.15
CA LEU B 47 28.97 17.32 -12.90
C LEU B 47 28.34 16.21 -13.71
N LEU B 48 28.39 16.37 -15.03
CA LEU B 48 27.72 15.43 -15.92
C LEU B 48 28.71 14.45 -16.58
N PHE B 49 28.75 13.23 -16.07
CA PHE B 49 29.57 12.18 -16.64
C PHE B 49 28.75 11.42 -17.66
N GLY B 50 29.01 11.64 -18.94
CA GLY B 50 28.19 11.04 -19.96
C GLY B 50 28.89 10.90 -21.29
N LYS B 51 28.20 10.27 -22.24
CA LYS B 51 28.77 9.89 -23.53
C LYS B 51 28.40 10.88 -24.63
N LYS B 52 27.20 11.47 -24.52
CA LYS B 52 26.65 12.29 -25.60
C LYS B 52 26.27 13.68 -25.08
N GLU B 53 27.14 14.66 -25.33
CA GLU B 53 26.97 16.00 -24.77
C GLU B 53 25.80 16.78 -25.36
N ASP B 54 24.97 17.35 -24.48
CA ASP B 54 23.96 18.33 -24.88
C ASP B 54 24.56 19.72 -24.74
N LYS B 55 25.02 20.28 -25.86
CA LYS B 55 25.72 21.56 -25.83
C LYS B 55 24.84 22.70 -25.33
N THR B 56 23.53 22.59 -25.51
CA THR B 56 22.61 23.60 -24.99
C THR B 56 22.54 23.52 -23.46
N LEU B 57 22.54 22.30 -22.94
CA LEU B 57 22.54 22.11 -21.51
C LEU B 57 23.87 22.53 -20.87
N THR B 58 24.98 22.19 -21.53
CA THR B 58 26.31 22.37 -20.94
C THR B 58 26.86 23.77 -21.13
N ALA B 59 26.09 24.64 -21.78
CA ALA B 59 26.42 26.05 -21.89
C ALA B 59 25.98 26.80 -20.63
N ASN B 60 25.34 26.08 -19.72
CA ASN B 60 25.00 26.60 -18.40
C ASN B 60 26.24 26.59 -17.49
N GLU B 61 26.60 27.75 -16.96
CA GLU B 61 27.79 27.87 -16.11
C GLU B 61 27.79 26.89 -14.93
N SER B 62 26.61 26.53 -14.46
CA SER B 62 26.46 25.64 -13.32
C SER B 62 26.63 24.17 -13.73
N VAL B 63 26.99 23.95 -14.98
CA VAL B 63 27.08 22.59 -15.50
C VAL B 63 28.47 22.34 -16.04
N THR B 64 29.01 21.17 -15.70
CA THR B 64 30.31 20.76 -16.19
C THR B 64 30.17 19.40 -16.82
N TRP B 65 30.64 19.28 -18.06
CA TRP B 65 30.52 18.02 -18.80
C TRP B 65 31.80 17.25 -18.69
N ILE B 66 31.72 15.96 -18.37
CA ILE B 66 32.90 15.10 -18.40
C ILE B 66 32.65 13.94 -19.35
N GLN B 67 33.34 13.92 -20.48
CA GLN B 67 33.13 12.87 -21.47
C GLN B 67 33.48 11.48 -20.92
N THR B 68 32.46 10.64 -20.74
CA THR B 68 32.68 9.27 -20.26
C THR B 68 31.94 8.28 -21.15
N ASP B 69 32.67 7.31 -21.70
CA ASP B 69 32.08 6.41 -22.69
C ASP B 69 31.47 5.13 -22.12
N THR B 70 31.81 4.80 -20.87
CA THR B 70 31.35 3.56 -20.27
C THR B 70 30.60 3.86 -18.98
N ALA B 71 29.68 2.96 -18.63
CA ALA B 71 28.95 3.09 -17.38
C ALA B 71 29.90 2.96 -16.21
N GLU B 72 30.89 2.08 -16.36
CA GLU B 72 31.88 1.88 -15.31
C GLU B 72 32.64 3.17 -15.04
N ALA B 73 33.15 3.80 -16.10
CA ALA B 73 33.84 5.08 -15.97
C ALA B 73 32.93 6.18 -15.43
N ALA B 74 31.65 6.16 -15.82
CA ALA B 74 30.70 7.16 -15.31
C ALA B 74 30.44 6.95 -13.80
N ALA B 75 30.24 5.70 -13.40
CA ALA B 75 30.02 5.37 -11.99
C ALA B 75 31.25 5.73 -11.16
N GLN B 76 32.41 5.27 -11.61
CA GLN B 76 33.65 5.56 -10.88
C GLN B 76 34.01 7.04 -10.89
N GLY B 77 33.76 7.72 -12.00
CA GLY B 77 34.01 9.14 -12.05
C GLY B 77 33.14 9.88 -11.04
N ALA B 78 31.85 9.54 -11.01
CA ALA B 78 30.95 10.27 -10.13
C ALA B 78 31.33 10.02 -8.67
N ILE B 79 31.73 8.78 -8.36
CA ILE B 79 32.08 8.39 -7.01
C ILE B 79 33.35 9.07 -6.52
N LEU B 80 34.34 9.17 -7.41
CA LEU B 80 35.58 9.88 -7.10
C LEU B 80 35.32 11.38 -6.90
N ALA B 81 34.40 11.94 -7.66
CA ALA B 81 34.04 13.33 -7.42
C ALA B 81 33.55 13.48 -5.98
N VAL B 82 32.76 12.52 -5.50
CA VAL B 82 32.30 12.56 -4.12
C VAL B 82 33.44 12.36 -3.12
N LYS B 83 34.28 11.34 -3.35
CA LYS B 83 35.39 11.10 -2.45
C LYS B 83 36.32 12.31 -2.36
N ASN B 84 36.47 13.01 -3.47
CA ASN B 84 37.39 14.15 -3.57
C ASN B 84 36.74 15.45 -3.10
N LYS B 85 35.52 15.33 -2.57
CA LYS B 85 34.78 16.48 -2.05
C LYS B 85 34.45 17.51 -3.11
N GLU B 86 34.35 17.09 -4.37
CA GLU B 86 33.94 17.98 -5.45
C GLU B 86 32.43 17.95 -5.64
N ALA B 87 31.78 16.92 -5.11
CA ALA B 87 30.34 16.75 -5.24
C ALA B 87 29.67 16.39 -3.92
N ASP B 88 28.41 16.79 -3.78
CA ASP B 88 27.68 16.69 -2.51
C ASP B 88 26.65 15.58 -2.52
N ILE B 89 26.16 15.25 -3.71
CA ILE B 89 25.06 14.33 -3.90
C ILE B 89 25.39 13.51 -5.14
N LEU B 90 25.08 12.21 -5.05
CA LEU B 90 25.37 11.30 -6.13
C LEU B 90 24.06 10.96 -6.83
N VAL B 91 24.04 11.04 -8.15
CA VAL B 91 22.82 10.76 -8.91
C VAL B 91 23.06 9.62 -9.87
N LYS B 92 22.21 8.60 -9.77
CA LYS B 92 22.30 7.46 -10.67
C LYS B 92 21.69 7.82 -12.00
N GLY B 93 22.51 7.88 -13.05
CA GLY B 93 22.04 8.26 -14.37
C GLY B 93 21.63 7.08 -15.24
N PHE B 94 21.93 7.19 -16.53
CA PHE B 94 21.48 6.22 -17.49
C PHE B 94 22.39 5.01 -17.52
N ILE B 95 22.54 4.36 -16.37
CA ILE B 95 23.36 3.17 -16.23
C ILE B 95 22.60 2.17 -15.37
N PRO B 96 22.96 0.88 -15.46
CA PRO B 96 22.31 -0.06 -14.54
C PRO B 96 22.57 0.35 -13.10
N THR B 97 21.61 0.13 -12.21
CA THR B 97 21.78 0.53 -10.82
C THR B 97 22.93 -0.23 -10.16
N ALA B 98 22.99 -1.54 -10.41
CA ALA B 98 24.05 -2.38 -9.85
C ALA B 98 25.45 -1.88 -10.21
N THR B 99 25.60 -1.23 -11.36
CA THR B 99 26.93 -0.80 -11.79
C THR B 99 27.42 0.31 -10.87
N LEU B 100 26.49 1.17 -10.46
CA LEU B 100 26.80 2.20 -9.49
C LEU B 100 26.85 1.66 -8.06
N HIS B 102 27.19 -1.49 -6.82
CA HIS B 102 28.22 -2.47 -6.50
C HIS B 102 29.41 -1.74 -5.86
N HIS B 103 29.83 -0.66 -6.49
CA HIS B 103 30.93 0.16 -6.00
C HIS B 103 30.61 0.84 -4.67
N VAL B 104 29.47 1.54 -4.63
CA VAL B 104 29.07 2.28 -3.44
C VAL B 104 29.01 1.37 -2.23
N LEU B 105 28.47 0.17 -2.42
CA LEU B 105 28.16 -0.75 -1.31
C LEU B 105 29.37 -1.41 -0.69
N LYS B 106 30.50 -1.33 -1.37
CA LYS B 106 31.74 -1.85 -0.81
C LYS B 106 32.39 -0.77 0.06
N LYS B 107 32.42 -1.03 1.37
CA LYS B 107 32.86 -0.05 2.35
C LYS B 107 34.24 0.52 2.05
N GLU B 108 35.09 -0.28 1.41
CA GLU B 108 36.47 0.11 1.13
C GLU B 108 36.58 1.32 0.20
N ASN B 109 35.51 1.62 -0.52
CA ASN B 109 35.53 2.72 -1.49
C ASN B 109 35.28 4.13 -0.92
N GLY B 110 34.97 4.22 0.37
CA GLY B 110 34.91 5.51 1.04
C GLY B 110 33.54 6.17 1.16
N LEU B 111 32.52 5.60 0.52
CA LEU B 111 31.20 6.24 0.48
C LEU B 111 30.18 5.68 1.45
N ARG B 112 30.52 4.60 2.14
CA ARG B 112 29.61 4.05 3.11
C ARG B 112 30.30 3.79 4.44
N THR B 113 29.50 3.61 5.48
CA THR B 113 30.04 3.08 6.73
C THR B 113 29.51 1.66 6.87
N ASP B 114 29.43 1.18 8.11
CA ASP B 114 28.80 -0.11 8.37
C ASP B 114 27.27 0.03 8.42
N GLN B 115 26.78 1.26 8.36
CA GLN B 115 25.34 1.49 8.41
C GLN B 115 24.69 0.95 7.14
N LEU B 116 23.53 0.30 7.31
CA LEU B 116 22.79 -0.25 6.19
C LEU B 116 22.28 0.90 5.35
N LEU B 117 22.23 0.71 4.04
CA LEU B 117 21.62 1.70 3.15
C LEU B 117 20.15 1.35 2.94
N SER B 118 19.31 2.36 2.74
CA SER B 118 17.88 2.11 2.55
C SER B 118 17.31 3.19 1.67
N GLN B 119 16.22 2.90 0.99
CA GLN B 119 15.49 3.95 0.27
C GLN B 119 14.46 4.53 1.21
N ILE B 120 14.21 5.83 1.08
CA ILE B 120 13.19 6.52 1.85
C ILE B 120 12.52 7.57 0.98
N ALA B 121 11.22 7.77 1.20
CA ALA B 121 10.48 8.76 0.41
C ALA B 121 9.70 9.70 1.31
N ILE B 122 9.70 10.98 0.96
CA ILE B 122 8.88 11.95 1.69
C ILE B 122 7.69 12.41 0.85
N PHE B 123 6.49 12.32 1.40
CA PHE B 123 5.27 12.62 0.65
C PHE B 123 4.55 13.85 1.20
N ASP B 124 4.17 14.76 0.31
CA ASP B 124 3.14 15.74 0.59
C ASP B 124 1.84 15.19 0.01
N ILE B 125 0.96 14.71 0.89
CA ILE B 125 -0.30 14.09 0.47
C ILE B 125 -1.49 15.03 0.68
N PRO B 126 -2.23 15.34 -0.39
CA PRO B 126 -3.29 16.35 -0.25
C PRO B 126 -4.18 16.14 0.98
N THR B 127 -4.50 14.89 1.28
CA THR B 127 -5.41 14.58 2.40
C THR B 127 -4.72 14.22 3.72
N TYR B 128 -3.42 14.51 3.86
CA TYR B 128 -2.75 14.38 5.15
C TYR B 128 -2.20 15.75 5.51
N HIS B 129 -1.97 16.01 6.79
CA HIS B 129 -1.79 17.38 7.28
C HIS B 129 -0.34 17.81 7.44
N LYS B 130 0.56 16.86 7.21
CA LYS B 130 1.98 17.13 7.38
C LYS B 130 2.73 16.14 6.49
N PRO B 131 4.04 16.38 6.25
CA PRO B 131 4.84 15.47 5.40
C PRO B 131 4.89 14.07 6.00
N LEU B 132 4.86 13.06 5.14
CA LEU B 132 4.89 11.69 5.61
C LEU B 132 6.08 10.95 5.01
N LEU B 133 6.88 10.30 5.85
CA LEU B 133 8.04 9.56 5.37
C LEU B 133 7.72 8.09 5.38
N ILE B 134 8.04 7.40 4.29
CA ILE B 134 7.83 5.96 4.25
C ILE B 134 9.13 5.31 3.76
N THR B 135 9.51 4.22 4.41
CA THR B 135 10.72 3.50 4.04
C THR B 135 10.48 2.04 4.47
N ASP B 136 11.00 1.04 3.77
CA ASP B 136 11.84 1.14 2.58
C ASP B 136 10.96 0.66 1.43
N CYS B 137 10.75 1.52 0.45
CA CYS B 137 9.83 1.24 -0.64
C CYS B 137 10.47 0.64 -1.90
N ALA B 138 11.81 0.55 -1.92
CA ALA B 138 12.49 0.28 -3.19
C ALA B 138 13.82 -0.46 -3.09
N ASN B 140 15.69 -2.42 0.24
CA ASN B 140 15.69 -3.63 1.05
C ASN B 140 14.43 -4.44 0.80
N VAL B 141 14.62 -5.69 0.38
CA VAL B 141 13.54 -6.53 -0.10
C VAL B 141 12.75 -7.14 1.05
N ALA B 142 13.45 -7.89 1.90
CA ALA B 142 12.80 -8.56 3.02
C ALA B 142 13.60 -8.33 4.29
N PRO B 143 13.68 -7.07 4.73
CA PRO B 143 14.41 -6.75 5.97
C PRO B 143 13.80 -7.51 7.14
N LYS B 144 14.64 -7.93 8.07
CA LYS B 144 14.15 -8.56 9.28
C LYS B 144 14.33 -7.55 10.39
N THR B 145 14.46 -8.03 11.63
CA THR B 145 14.50 -7.14 12.77
C THR B 145 15.70 -6.22 12.71
N LYS B 146 16.89 -6.80 12.57
CA LYS B 146 18.12 -6.01 12.53
C LYS B 146 18.13 -4.96 11.40
N GLU B 147 17.75 -5.38 10.18
CA GLU B 147 17.61 -4.43 9.07
C GLU B 147 16.54 -3.35 9.32
N LYS B 148 15.40 -3.77 9.86
CA LYS B 148 14.34 -2.83 10.18
C LYS B 148 14.80 -1.81 11.20
N ILE B 149 15.60 -2.26 12.17
CA ILE B 149 16.17 -1.32 13.12
C ILE B 149 17.04 -0.29 12.40
N ALA B 150 17.90 -0.78 11.50
CA ALA B 150 18.78 0.12 10.75
C ALA B 150 17.97 1.04 9.83
N ILE B 151 16.94 0.49 9.20
CA ILE B 151 16.06 1.31 8.38
C ILE B 151 15.41 2.41 9.20
N THR B 152 15.04 2.08 10.43
CA THR B 152 14.47 3.05 11.35
C THR B 152 15.50 4.11 11.78
N GLU B 153 16.73 3.68 12.03
CA GLU B 153 17.81 4.62 12.32
C GLU B 153 17.97 5.63 11.19
N ASN B 154 18.01 5.15 9.94
CA ASN B 154 18.18 6.03 8.78
C ASN B 154 17.03 7.03 8.66
N ALA B 155 15.81 6.57 8.95
CA ALA B 155 14.62 7.42 8.90
C ALA B 155 14.68 8.49 9.98
N LEU B 156 15.15 8.11 11.16
CA LEU B 156 15.33 9.06 12.25
C LEU B 156 16.34 10.15 11.86
N ALA B 157 17.47 9.73 11.30
CA ALA B 157 18.50 10.66 10.86
C ALA B 157 17.95 11.60 9.79
N VAL B 158 17.25 11.05 8.80
CA VAL B 158 16.63 11.88 7.76
C VAL B 158 15.63 12.83 8.40
N ALA B 159 14.81 12.31 9.32
CA ALA B 159 13.78 13.11 9.96
C ALA B 159 14.39 14.33 10.63
N HIS B 160 15.41 14.11 11.46
CA HIS B 160 16.06 15.20 12.19
C HIS B 160 16.70 16.25 11.27
N GLN B 161 17.34 15.78 10.21
CA GLN B 161 18.06 16.66 9.28
C GLN B 161 17.12 17.62 8.57
N ILE B 162 15.89 17.18 8.31
CA ILE B 162 14.94 18.05 7.61
C ILE B 162 14.05 18.86 8.57
N GLY B 163 14.28 18.71 9.87
CA GLY B 163 13.67 19.61 10.84
C GLY B 163 12.47 19.00 11.57
N ILE B 164 12.37 17.68 11.55
CA ILE B 164 11.37 17.00 12.37
C ILE B 164 12.07 16.42 13.59
N THR B 165 12.02 17.16 14.70
CA THR B 165 12.86 16.88 15.86
C THR B 165 12.41 15.69 16.70
N ASN B 166 11.11 15.43 16.72
CA ASN B 166 10.60 14.31 17.51
C ASN B 166 9.65 13.46 16.69
N PRO B 167 10.20 12.77 15.68
CA PRO B 167 9.45 11.95 14.72
C PRO B 167 8.65 10.84 15.42
N LYS B 168 7.38 10.74 15.06
CA LYS B 168 6.51 9.66 15.52
C LYS B 168 6.55 8.55 14.49
N ILE B 169 7.13 7.42 14.89
CA ILE B 169 7.41 6.32 13.97
C ILE B 169 6.46 5.15 14.18
N ALA B 170 5.86 4.67 13.09
CA ALA B 170 4.94 3.54 13.17
C ALA B 170 5.54 2.39 12.40
N LEU B 171 5.61 1.21 13.03
CA LEU B 171 5.99 0.03 12.27
C LEU B 171 4.70 -0.53 11.69
N LEU B 172 4.64 -0.54 10.37
CA LEU B 172 3.44 -0.86 9.64
C LEU B 172 3.27 -2.38 9.51
N SER B 173 2.04 -2.84 9.71
CA SER B 173 1.68 -4.23 9.46
C SER B 173 0.18 -4.28 9.12
N ALA B 174 -0.41 -5.46 9.11
CA ALA B 174 -1.82 -5.56 8.74
C ALA B 174 -2.72 -5.48 9.96
N VAL B 175 -2.13 -5.59 11.14
CA VAL B 175 -2.90 -5.80 12.36
C VAL B 175 -2.15 -5.17 13.53
N GLU B 176 -2.82 -4.92 14.65
CA GLU B 176 -2.16 -4.38 15.83
C GLU B 176 -1.68 -5.48 16.77
N GLU B 177 -2.32 -6.64 16.67
CA GLU B 177 -2.12 -7.71 17.62
C GLU B 177 -0.95 -8.57 17.20
N VAL B 178 0.01 -8.78 18.10
CA VAL B 178 1.21 -9.55 17.72
C VAL B 178 0.90 -11.05 17.71
N THR B 179 1.31 -11.72 16.63
CA THR B 179 1.02 -13.14 16.48
C THR B 179 2.08 -13.85 15.65
N ALA B 180 2.39 -15.08 16.03
CA ALA B 180 3.36 -15.89 15.30
C ALA B 180 2.85 -16.22 13.90
N LYS B 181 1.56 -16.03 13.70
CA LYS B 181 0.96 -16.21 12.38
C LYS B 181 1.38 -15.12 11.41
N PRO B 183 4.73 -12.81 11.10
CA PRO B 183 6.11 -12.50 11.52
C PRO B 183 6.40 -11.00 11.56
N SER B 184 5.80 -10.24 10.65
CA SER B 184 6.05 -8.81 10.64
C SER B 184 5.52 -8.17 11.92
N THR B 185 4.55 -8.80 12.58
CA THR B 185 4.05 -8.24 13.85
C THR B 185 5.08 -8.45 14.96
N LEU B 186 5.63 -9.65 15.04
CA LEU B 186 6.70 -9.93 15.98
C LEU B 186 7.88 -9.00 15.71
N GLU B 187 8.20 -8.81 14.43
CA GLU B 187 9.34 -8.01 14.04
C GLU B 187 9.15 -6.55 14.42
N ALA B 188 7.94 -6.04 14.17
CA ALA B 188 7.58 -4.70 14.59
C ALA B 188 7.79 -4.53 16.09
N GLN B 189 7.20 -5.43 16.86
CA GLN B 189 7.34 -5.39 18.31
C GLN B 189 8.81 -5.27 18.72
N GLU B 190 9.63 -6.18 18.21
CA GLU B 190 11.05 -6.20 18.55
C GLU B 190 11.72 -4.87 18.19
N VAL B 191 11.39 -4.30 17.04
CA VAL B 191 12.01 -3.03 16.68
C VAL B 191 11.62 -2.00 17.73
N VAL B 192 10.34 -1.94 18.08
CA VAL B 192 9.85 -1.05 19.13
C VAL B 192 10.64 -1.22 20.44
N GLN B 193 10.82 -2.47 20.86
CA GLN B 193 11.53 -2.72 22.10
C GLN B 193 12.95 -2.17 22.03
N HIS B 194 13.55 -2.25 20.86
CA HIS B 194 14.94 -1.83 20.72
C HIS B 194 15.15 -0.37 21.05
N PHE B 195 14.17 0.47 20.74
CA PHE B 195 14.34 1.92 20.87
C PHE B 195 13.95 2.50 22.23
N GLY B 196 13.21 1.74 23.04
CA GLY B 196 12.79 2.25 24.33
C GLY B 196 12.05 3.57 24.25
N ASN B 197 12.25 4.42 25.25
CA ASN B 197 11.64 5.74 25.24
C ASN B 197 12.61 6.80 24.72
N GLN B 198 13.59 6.34 23.95
CA GLN B 198 14.55 7.23 23.31
C GLN B 198 13.86 7.97 22.17
N ILE B 199 12.81 7.35 21.61
CA ILE B 199 12.02 7.96 20.54
C ILE B 199 10.56 7.57 20.60
N SER B 200 9.73 8.28 19.84
CA SER B 200 8.31 7.98 19.78
C SER B 200 8.08 6.93 18.70
N VAL B 201 8.01 5.67 19.11
CA VAL B 201 7.89 4.59 18.14
C VAL B 201 6.87 3.55 18.60
N SER B 202 5.98 3.17 17.68
CA SER B 202 4.89 2.25 17.98
C SER B 202 4.78 1.19 16.88
N GLY B 203 4.15 0.06 17.20
CA GLY B 203 3.97 -1.00 16.24
C GLY B 203 3.83 -2.35 16.90
N PRO B 204 3.25 -3.31 16.18
CA PRO B 204 2.74 -3.12 14.82
C PRO B 204 1.46 -2.30 14.78
N LEU B 205 1.27 -1.53 13.71
CA LEU B 205 0.03 -0.79 13.47
C LEU B 205 -0.41 -0.99 12.04
N ALA B 206 -1.71 -1.12 11.80
CA ALA B 206 -2.23 -1.04 10.44
C ALA B 206 -2.20 0.43 10.03
N LEU B 207 -2.26 0.68 8.73
CA LEU B 207 -2.12 2.04 8.24
C LEU B 207 -3.07 3.00 8.93
N ASP B 208 -4.31 2.55 9.18
CA ASP B 208 -5.33 3.47 9.65
C ASP B 208 -4.99 3.97 11.04
N VAL B 209 -4.40 3.11 11.86
CA VAL B 209 -4.07 3.50 13.23
C VAL B 209 -2.90 4.48 13.23
N ALA B 210 -2.09 4.41 12.19
CA ALA B 210 -0.87 5.21 12.14
C ALA B 210 -1.17 6.66 11.71
N ILE B 211 -2.08 6.81 10.76
CA ILE B 211 -2.31 8.12 10.15
C ILE B 211 -3.73 8.67 10.39
N SER B 212 -4.48 8.04 11.27
CA SER B 212 -5.81 8.58 11.64
C SER B 212 -6.12 8.44 13.14
N LYS B 213 -6.20 9.55 13.85
CA LYS B 213 -6.47 9.51 15.29
C LYS B 213 -7.84 8.88 15.57
N GLU B 214 -8.83 9.24 14.77
CA GLU B 214 -10.16 8.63 14.86
C GLU B 214 -10.07 7.10 14.83
N ALA B 215 -9.40 6.57 13.80
CA ALA B 215 -9.26 5.13 13.62
C ALA B 215 -8.59 4.47 14.81
N ALA B 216 -7.52 5.09 15.30
CA ALA B 216 -6.83 4.56 16.46
C ALA B 216 -7.80 4.45 17.63
N LEU B 217 -8.46 5.56 17.95
CA LEU B 217 -9.43 5.59 19.02
C LEU B 217 -10.49 4.52 18.82
N HIS B 218 -11.20 4.60 17.69
CA HIS B 218 -12.23 3.61 17.37
C HIS B 218 -11.70 2.19 17.49
N LYS B 219 -10.38 2.02 17.39
CA LYS B 219 -9.76 0.73 17.62
C LYS B 219 -9.34 0.56 19.07
N GLY B 220 -9.73 1.51 19.92
CA GLY B 220 -9.41 1.44 21.33
C GLY B 220 -7.96 1.74 21.62
N ILE B 221 -7.24 2.27 20.63
CA ILE B 221 -5.88 2.74 20.84
C ILE B 221 -5.89 4.23 21.09
N THR B 222 -5.36 4.65 22.24
CA THR B 222 -5.54 6.03 22.68
C THR B 222 -4.23 6.80 22.87
N ASP B 223 -3.11 6.17 22.55
CA ASP B 223 -1.81 6.83 22.64
C ASP B 223 -1.81 8.09 21.79
N SER B 224 -1.23 9.17 22.32
CA SER B 224 -1.17 10.43 21.59
C SER B 224 -0.30 10.27 20.35
N SER B 225 0.52 9.24 20.35
CA SER B 225 1.37 8.91 19.20
C SER B 225 0.54 8.47 17.99
N ALA B 226 -0.63 7.90 18.28
CA ALA B 226 -1.48 7.30 17.25
C ALA B 226 -2.16 8.34 16.35
N GLY B 227 -2.21 8.05 15.06
CA GLY B 227 -2.85 8.93 14.10
C GLY B 227 -2.02 10.12 13.65
N GLU B 228 -0.77 10.19 14.12
CA GLU B 228 0.08 11.33 13.83
C GLU B 228 1.46 10.91 13.33
N ALA B 229 1.55 9.73 12.75
CA ALA B 229 2.83 9.20 12.30
C ALA B 229 3.54 10.19 11.38
N ASP B 230 4.85 10.35 11.58
CA ASP B 230 5.67 11.16 10.70
C ASP B 230 6.41 10.20 9.77
N ILE B 231 6.60 8.97 10.25
CA ILE B 231 7.37 7.98 9.50
C ILE B 231 6.69 6.62 9.58
N LEU B 232 6.59 5.95 8.43
CA LEU B 232 6.10 4.58 8.40
C LEU B 232 7.25 3.67 7.99
N ILE B 233 7.44 2.60 8.74
CA ILE B 233 8.42 1.58 8.37
C ILE B 233 7.69 0.41 7.74
N ALA B 234 7.90 0.18 6.44
CA ALA B 234 7.21 -0.90 5.75
C ALA B 234 7.66 -2.27 6.25
N PRO B 235 6.74 -3.26 6.28
CA PRO B 235 7.11 -4.61 6.74
C PRO B 235 7.86 -5.40 5.68
N ASN B 236 7.74 -4.98 4.42
CA ASN B 236 8.43 -5.64 3.32
C ASN B 236 8.36 -4.72 2.11
N ILE B 237 9.13 -5.03 1.07
CA ILE B 237 9.26 -4.11 -0.05
C ILE B 237 7.97 -4.01 -0.89
N GLU B 238 7.19 -5.09 -0.96
CA GLU B 238 5.96 -5.03 -1.75
C GLU B 238 5.01 -4.01 -1.11
N THR B 239 4.96 -4.02 0.22
CA THR B 239 4.12 -3.09 0.97
C THR B 239 4.58 -1.65 0.78
N GLY B 240 5.86 -1.38 1.02
CA GLY B 240 6.39 -0.04 0.80
C GLY B 240 6.12 0.44 -0.60
N ASN B 241 6.46 -0.37 -1.58
CA ASN B 241 6.31 0.03 -2.96
C ASN B 241 4.87 0.29 -3.36
N ALA B 242 3.97 -0.63 -2.98
CA ALA B 242 2.55 -0.47 -3.30
C ALA B 242 1.98 0.79 -2.67
N LEU B 243 2.41 1.07 -1.44
CA LEU B 243 1.93 2.25 -0.72
C LEU B 243 2.43 3.54 -1.41
N TYR B 244 3.72 3.56 -1.74
CA TYR B 244 4.32 4.66 -2.47
C TYR B 244 3.51 4.94 -3.74
N LYS B 245 3.26 3.89 -4.51
CA LYS B 245 2.60 4.04 -5.81
C LYS B 245 1.15 4.46 -5.61
N SER B 246 0.54 3.93 -4.56
CA SER B 246 -0.84 4.23 -4.26
C SER B 246 -0.99 5.72 -4.04
N LEU B 247 -0.10 6.26 -3.24
CA LEU B 247 -0.12 7.68 -2.91
C LEU B 247 0.12 8.54 -4.14
N VAL B 248 1.01 8.09 -5.01
CA VAL B 248 1.32 8.86 -6.20
C VAL B 248 0.13 8.80 -7.16
N TYR B 249 -0.32 7.60 -7.49
CA TYR B 249 -1.32 7.44 -8.56
C TYR B 249 -2.80 7.63 -8.15
N PHE B 250 -3.12 7.44 -6.88
CA PHE B 250 -4.52 7.57 -6.47
C PHE B 250 -4.77 8.74 -5.54
N ALA B 251 -3.77 9.10 -4.75
CA ALA B 251 -3.93 10.13 -3.73
C ALA B 251 -3.41 11.50 -4.18
N GLY B 252 -2.69 11.53 -5.31
CA GLY B 252 -2.18 12.78 -5.84
C GLY B 252 -1.00 13.34 -5.05
N ALA B 253 -0.25 12.46 -4.41
CA ALA B 253 0.84 12.94 -3.58
C ALA B 253 2.03 13.41 -4.41
N LYS B 254 2.73 14.42 -3.90
CA LYS B 254 4.06 14.76 -4.41
C LYS B 254 5.05 14.05 -3.52
N VAL B 255 6.09 13.47 -4.12
CA VAL B 255 7.04 12.69 -3.34
C VAL B 255 8.44 12.81 -3.92
N GLY B 256 9.43 12.96 -3.04
CA GLY B 256 10.81 12.82 -3.45
C GLY B 256 11.43 11.67 -2.68
N SER B 257 12.35 10.95 -3.30
CA SER B 257 12.98 9.85 -2.59
C SER B 257 14.47 9.80 -2.81
N ALA B 258 15.15 9.24 -1.84
CA ALA B 258 16.59 9.18 -1.88
C ALA B 258 17.00 7.87 -1.25
N VAL B 259 18.23 7.46 -1.54
CA VAL B 259 18.85 6.35 -0.82
C VAL B 259 19.74 6.97 0.22
N VAL B 260 19.56 6.57 1.48
CA VAL B 260 20.26 7.18 2.60
C VAL B 260 21.02 6.09 3.31
N GLY B 261 21.83 6.49 4.28
CA GLY B 261 22.63 5.55 5.05
C GLY B 261 24.10 5.61 4.72
N ALA B 262 24.41 6.19 3.56
CA ALA B 262 25.80 6.37 3.11
C ALA B 262 26.28 7.75 3.48
N LYS B 263 27.52 8.08 3.10
CA LYS B 263 28.11 9.36 3.45
C LYS B 263 27.49 10.53 2.71
N VAL B 264 26.93 10.27 1.54
CA VAL B 264 26.16 11.29 0.85
C VAL B 264 24.86 10.67 0.39
N PRO B 265 23.84 11.51 0.14
CA PRO B 265 22.56 11.03 -0.41
C PRO B 265 22.72 10.63 -1.86
N ILE B 266 21.92 9.66 -2.26
CA ILE B 266 22.00 9.13 -3.59
C ILE B 266 20.63 9.25 -4.20
N VAL B 267 20.58 9.70 -5.44
CA VAL B 267 19.32 9.74 -6.15
C VAL B 267 19.25 8.57 -7.11
N ILE B 268 18.22 7.74 -6.93
CA ILE B 268 17.95 6.63 -7.82
C ILE B 268 16.46 6.66 -8.18
N SER B 269 16.11 7.35 -9.25
CA SER B 269 14.72 7.55 -9.60
C SER B 269 14.23 6.46 -10.56
N SER B 270 12.95 6.10 -10.43
CA SER B 270 12.33 5.13 -11.32
C SER B 270 12.15 5.70 -12.73
N ARG B 271 12.22 4.84 -13.74
CA ARG B 271 11.84 5.23 -15.09
C ARG B 271 10.46 5.89 -15.13
N ASN B 272 9.60 5.52 -14.18
CA ASN B 272 8.22 5.99 -14.19
C ASN B 272 7.91 7.12 -13.22
N ASP B 273 8.93 7.62 -12.53
CA ASP B 273 8.73 8.77 -11.67
C ASP B 273 8.48 9.97 -12.58
N SER B 274 7.52 10.82 -12.20
CA SER B 274 7.24 12.00 -12.99
C SER B 274 8.40 12.99 -12.85
N PRO B 275 8.51 13.93 -13.79
CA PRO B 275 9.60 14.88 -13.66
C PRO B 275 9.50 15.65 -12.35
N GLU B 276 8.26 15.94 -11.94
CA GLU B 276 7.99 16.67 -10.71
C GLU B 276 8.48 15.93 -9.48
N ASN B 277 8.29 14.63 -9.47
CA ASN B 277 8.74 13.82 -8.35
C ASN B 277 10.25 13.54 -8.42
N LYS B 278 10.79 13.38 -9.63
CA LYS B 278 12.23 13.31 -9.78
C LYS B 278 12.91 14.60 -9.32
N LEU B 279 12.29 15.74 -9.62
CA LEU B 279 12.81 16.99 -9.12
C LEU B 279 12.69 17.03 -7.60
N ALA B 280 11.54 16.60 -7.08
CA ALA B 280 11.30 16.69 -5.64
C ALA B 280 12.36 15.84 -4.96
N SER B 281 12.88 14.85 -5.69
CA SER B 281 13.93 13.98 -5.18
C SER B 281 15.26 14.73 -5.09
N PHE B 282 15.62 15.46 -6.15
CA PHE B 282 16.78 16.33 -6.09
C PHE B 282 16.65 17.26 -4.89
N ILE B 283 15.47 17.86 -4.74
CA ILE B 283 15.21 18.81 -3.65
C ILE B 283 15.37 18.18 -2.26
N LEU B 284 14.88 16.96 -2.09
CA LEU B 284 15.08 16.24 -0.86
C LEU B 284 16.58 16.09 -0.56
N THR B 285 17.36 15.65 -1.55
CA THR B 285 18.77 15.42 -1.34
C THR B 285 19.51 16.70 -0.99
N VAL B 286 19.08 17.81 -1.56
CA VAL B 286 19.66 19.10 -1.21
C VAL B 286 19.40 19.38 0.27
N ARG B 287 18.17 19.12 0.72
CA ARG B 287 17.80 19.29 2.12
C ARG B 287 18.62 18.36 3.04
N LEU B 288 19.00 17.20 2.52
CA LEU B 288 19.76 16.24 3.34
C LEU B 288 21.22 16.62 3.54
N VAL B 289 21.77 17.48 2.68
CA VAL B 289 23.14 17.93 2.86
C VAL B 289 23.23 19.36 3.40
N GLU B 290 22.12 20.10 3.35
CA GLU B 290 22.05 21.44 3.95
C GLU B 290 22.71 21.45 5.33
N LYS B 291 23.64 22.38 5.53
CA LYS B 291 24.47 22.39 6.73
C LYS B 291 23.64 22.51 8.01
#